data_7PX4
#
_entry.id   7PX4
#
_cell.length_a   39.600
_cell.length_b   180.262
_cell.length_c   139.483
_cell.angle_alpha   90.000
_cell.angle_beta   90.000
_cell.angle_gamma   90.000
#
_symmetry.space_group_name_H-M   'C 2 2 21'
#
loop_
_entity.id
_entity.type
_entity.pdbx_description
1 polymer 'Adenosine receptor A2a,Soluble cytochrome b562,Adenosine receptor A2a'
2 non-polymer CHOLESTEROL
3 non-polymer 'Preladenant conjugate PSB-2113'
4 non-polymer 'OLEIC ACID'
5 non-polymer '(2R)-2,3-dihydroxypropyl (9Z)-octadec-9-enoate'
6 non-polymer DI(HYDROXYETHYL)ETHER
7 water water
#
_entity_poly.entity_id   1
_entity_poly.type   'polypeptide(L)'
_entity_poly.pdbx_seq_one_letter_code
;MKTIIALSYIFCLVFADYKDDDDGAPPIMGSSVYITVELAIAVLAILGNVLVCWAVWLNSNLQNVTNYFVVSLAAADIAV
GVLAIPFAITISTGFCAACHGCLFIACFVLVLTQSKIFSLLAIAIDRYIAIRIPLRYNGLVTGTRAKGIIAICWVLSFAI
GLTPMLGWNNCGQPKEGKNHSQGCGEGQVACLFEDVVPMNYMVYFNFFACVLVPLLLMLGVYLRIFLAARRQLADLEDNW
ETLNDNLKVIEKADNAAQVKDALTKMRAAALDAQKATPPKLEDKSPDSPEMKDFRHGFDILVGQIDDALKLANEGKVKEA
QAAAEQLKTTRNAYIQKYLERARSTLQKEVHAAKSLAIIVGLFALCWLPLHIINCFTFFCPDCSHAPLWLMYLAIVLSHT
NSVVNPFIYAYRIREFRQTFRKIIRSHVLRQQEPFKAHHHHHHHHHH
;
_entity_poly.pdbx_strand_id   A
#
# COMPACT_ATOMS: atom_id res chain seq x y z
N ASP A 23 -26.41 -12.42 38.63
CA ASP A 23 -27.65 -11.98 38.00
C ASP A 23 -27.42 -11.55 36.55
N GLY A 24 -26.25 -11.88 36.01
CA GLY A 24 -26.00 -11.67 34.60
C GLY A 24 -26.33 -12.90 33.77
N ALA A 25 -26.57 -12.67 32.48
CA ALA A 25 -26.87 -13.76 31.57
C ALA A 25 -25.71 -14.76 31.55
N PRO A 26 -25.99 -16.04 31.34
CA PRO A 26 -24.93 -17.04 31.29
C PRO A 26 -23.88 -16.68 30.26
N PRO A 27 -22.59 -16.73 30.63
CA PRO A 27 -21.54 -16.27 29.70
C PRO A 27 -21.44 -17.10 28.43
N ILE A 28 -21.91 -18.35 28.44
CA ILE A 28 -21.83 -19.18 27.25
C ILE A 28 -22.74 -18.67 26.14
N MET A 29 -23.78 -17.92 26.47
CA MET A 29 -24.67 -17.39 25.44
C MET A 29 -23.96 -16.35 24.59
N GLY A 30 -23.41 -15.31 25.24
CA GLY A 30 -22.61 -14.34 24.51
C GLY A 30 -21.34 -14.94 23.94
N SER A 31 -20.79 -15.94 24.62
CA SER A 31 -19.60 -16.61 24.11
C SER A 31 -19.90 -17.36 22.82
N SER A 32 -21.09 -17.95 22.72
CA SER A 32 -21.45 -18.67 21.50
C SER A 32 -21.57 -17.73 20.30
N VAL A 33 -22.12 -16.54 20.52
CA VAL A 33 -22.21 -15.56 19.44
C VAL A 33 -20.82 -15.14 19.00
N TYR A 34 -19.94 -14.85 19.96
CA TYR A 34 -18.58 -14.39 19.62
C TYR A 34 -17.81 -15.49 18.90
N ILE A 35 -17.87 -16.73 19.40
CA ILE A 35 -17.13 -17.82 18.80
C ILE A 35 -17.66 -18.11 17.40
N THR A 36 -18.98 -18.07 17.21
CA THR A 36 -19.55 -18.33 15.89
C THR A 36 -19.13 -17.26 14.89
N VAL A 37 -19.12 -16.00 15.31
CA VAL A 37 -18.73 -14.91 14.41
C VAL A 37 -17.25 -15.03 14.06
N GLU A 38 -16.41 -15.38 15.04
CA GLU A 38 -14.98 -15.52 14.77
C GLU A 38 -14.71 -16.64 13.78
N LEU A 39 -15.44 -17.75 13.88
CA LEU A 39 -15.26 -18.85 12.94
C LEU A 39 -15.72 -18.46 11.54
N ALA A 40 -16.78 -17.66 11.44
CA ALA A 40 -17.22 -17.18 10.13
C ALA A 40 -16.16 -16.29 9.50
N ILE A 41 -15.50 -15.45 10.31
CA ILE A 41 -14.46 -14.58 9.78
C ILE A 41 -13.24 -15.39 9.37
N ALA A 42 -12.88 -16.41 10.14
CA ALA A 42 -11.73 -17.23 9.80
C ALA A 42 -11.92 -17.95 8.48
N VAL A 43 -13.12 -18.48 8.24
CA VAL A 43 -13.40 -19.17 6.97
C VAL A 43 -13.25 -18.20 5.80
N LEU A 44 -13.86 -17.02 5.91
CA LEU A 44 -13.80 -16.05 4.82
C LEU A 44 -12.38 -15.52 4.63
N ALA A 45 -11.62 -15.38 5.71
CA ALA A 45 -10.25 -14.89 5.58
C ALA A 45 -9.37 -15.91 4.87
N ILE A 46 -9.55 -17.19 5.20
CA ILE A 46 -8.74 -18.23 4.56
C ILE A 46 -9.09 -18.34 3.08
N LEU A 47 -10.38 -18.45 2.77
CA LEU A 47 -10.80 -18.69 1.39
C LEU A 47 -10.39 -17.55 0.47
N GLY A 48 -10.64 -16.31 0.88
CA GLY A 48 -10.36 -15.18 0.00
C GLY A 48 -8.89 -14.97 -0.25
N ASN A 49 -8.06 -15.11 0.79
CA ASN A 49 -6.63 -14.89 0.64
C ASN A 49 -5.91 -16.08 0.04
N VAL A 50 -6.46 -17.29 0.16
CA VAL A 50 -5.93 -18.40 -0.62
C VAL A 50 -6.17 -18.17 -2.10
N LEU A 51 -7.32 -17.56 -2.43
CA LEU A 51 -7.61 -17.24 -3.82
C LEU A 51 -6.63 -16.21 -4.37
N VAL A 52 -6.21 -15.27 -3.53
CA VAL A 52 -5.22 -14.29 -3.97
C VAL A 52 -3.89 -14.98 -4.27
N CYS A 53 -3.43 -15.83 -3.36
CA CYS A 53 -2.17 -16.55 -3.57
C CYS A 53 -2.25 -17.45 -4.80
N TRP A 54 -3.38 -18.13 -4.99
CA TRP A 54 -3.57 -18.97 -6.17
C TRP A 54 -3.53 -18.14 -7.45
N ALA A 55 -4.08 -16.91 -7.40
CA ALA A 55 -4.10 -16.07 -8.59
C ALA A 55 -2.68 -15.65 -8.99
N VAL A 56 -1.88 -15.24 -8.01
CA VAL A 56 -0.50 -14.84 -8.30
C VAL A 56 0.30 -16.03 -8.82
N TRP A 57 0.01 -17.23 -8.31
CA TRP A 57 0.73 -18.41 -8.77
C TRP A 57 0.47 -18.69 -10.25
N LEU A 58 -0.78 -18.50 -10.70
CA LEU A 58 -1.14 -18.92 -12.04
C LEU A 58 -0.79 -17.88 -13.09
N ASN A 59 -0.99 -16.59 -12.78
CA ASN A 59 -0.88 -15.52 -13.76
C ASN A 59 0.49 -14.86 -13.64
N SER A 60 1.28 -14.96 -14.71
CA SER A 60 2.59 -14.29 -14.72
C SER A 60 2.44 -12.78 -14.77
N ASN A 61 1.31 -12.26 -15.24
CA ASN A 61 1.07 -10.82 -15.19
C ASN A 61 0.91 -10.31 -13.75
N LEU A 62 0.64 -11.20 -12.80
CA LEU A 62 0.58 -10.86 -11.39
C LEU A 62 1.86 -11.20 -10.65
N GLN A 63 2.90 -11.65 -11.36
CA GLN A 63 4.16 -12.05 -10.74
C GLN A 63 5.20 -10.95 -10.90
N ASN A 64 4.94 -9.85 -10.22
CA ASN A 64 5.86 -8.72 -10.11
C ASN A 64 6.23 -8.53 -8.65
N VAL A 65 7.14 -7.59 -8.41
CA VAL A 65 7.64 -7.37 -7.05
C VAL A 65 6.53 -6.82 -6.15
N THR A 66 5.70 -5.94 -6.69
CA THR A 66 4.61 -5.36 -5.90
C THR A 66 3.71 -6.44 -5.33
N ASN A 67 3.38 -7.46 -6.13
CA ASN A 67 2.51 -8.52 -5.67
C ASN A 67 3.22 -9.53 -4.78
N TYR A 68 4.55 -9.52 -4.71
CA TYR A 68 5.22 -10.36 -3.73
C TYR A 68 4.90 -9.90 -2.30
N PHE A 69 4.76 -8.59 -2.10
CA PHE A 69 4.30 -8.09 -0.81
C PHE A 69 2.81 -8.32 -0.62
N VAL A 70 2.04 -8.31 -1.71
CA VAL A 70 0.62 -8.64 -1.63
C VAL A 70 0.44 -10.08 -1.18
N VAL A 71 1.31 -10.98 -1.65
CA VAL A 71 1.23 -12.38 -1.24
C VAL A 71 1.61 -12.52 0.24
N SER A 72 2.67 -11.84 0.67
CA SER A 72 3.02 -11.85 2.09
C SER A 72 1.89 -11.26 2.93
N LEU A 73 1.22 -10.23 2.39
CA LEU A 73 0.03 -9.69 3.04
C LEU A 73 -1.07 -10.75 3.14
N ALA A 74 -1.27 -11.52 2.08
CA ALA A 74 -2.30 -12.55 2.11
C ALA A 74 -1.91 -13.71 3.02
N ALA A 75 -0.62 -14.04 3.08
CA ALA A 75 -0.18 -15.13 3.95
C ALA A 75 -0.44 -14.82 5.41
N ALA A 76 -0.26 -13.56 5.81
CA ALA A 76 -0.55 -13.17 7.19
C ALA A 76 -2.03 -13.27 7.50
N ASP A 77 -2.89 -12.87 6.55
CA ASP A 77 -4.32 -12.96 6.77
C ASP A 77 -4.80 -14.40 6.78
N ILE A 78 -4.17 -15.28 6.00
CA ILE A 78 -4.46 -16.71 6.10
C ILE A 78 -4.11 -17.22 7.50
N ALA A 79 -2.95 -16.79 8.03
CA ALA A 79 -2.55 -17.20 9.36
C ALA A 79 -3.46 -16.63 10.44
N VAL A 80 -4.11 -15.49 10.16
CA VAL A 80 -5.06 -14.93 11.11
C VAL A 80 -6.24 -15.89 11.31
N GLY A 81 -6.77 -16.43 10.21
CA GLY A 81 -7.89 -17.35 10.32
C GLY A 81 -7.48 -18.71 10.84
N VAL A 82 -6.29 -19.18 10.47
CA VAL A 82 -5.87 -20.51 10.85
C VAL A 82 -5.43 -20.55 12.31
N LEU A 83 -4.74 -19.51 12.78
CA LEU A 83 -4.12 -19.53 14.10
C LEU A 83 -4.61 -18.40 15.00
N ALA A 84 -4.57 -17.15 14.53
CA ALA A 84 -4.86 -16.02 15.41
C ALA A 84 -6.31 -16.05 15.92
N ILE A 85 -7.25 -16.51 15.09
CA ILE A 85 -8.66 -16.52 15.50
C ILE A 85 -8.93 -17.69 16.44
N PRO A 86 -8.42 -18.91 16.18
CA PRO A 86 -8.50 -19.94 17.22
C PRO A 86 -7.79 -19.54 18.51
N PHE A 87 -6.72 -18.77 18.43
CA PHE A 87 -6.09 -18.24 19.65
C PHE A 87 -7.01 -17.27 20.36
N ALA A 88 -7.69 -16.40 19.61
CA ALA A 88 -8.58 -15.42 20.22
C ALA A 88 -9.75 -16.10 20.92
N ILE A 89 -10.27 -17.18 20.31
CA ILE A 89 -11.33 -17.94 20.94
C ILE A 89 -10.84 -18.57 22.24
N THR A 90 -9.61 -19.08 22.23
CA THR A 90 -9.05 -19.72 23.43
C THR A 90 -8.91 -18.74 24.58
N ILE A 91 -8.33 -17.57 24.31
CA ILE A 91 -8.08 -16.60 25.37
C ILE A 91 -9.34 -15.95 25.89
N SER A 92 -10.47 -16.07 25.19
CA SER A 92 -11.71 -15.51 25.69
C SER A 92 -12.29 -16.32 26.84
N THR A 93 -11.90 -17.59 26.98
CA THR A 93 -12.40 -18.42 28.06
C THR A 93 -11.72 -18.13 29.39
N GLY A 94 -10.57 -17.47 29.38
CA GLY A 94 -9.86 -17.20 30.62
C GLY A 94 -9.31 -18.44 31.28
N PHE A 95 -9.04 -19.49 30.52
CA PHE A 95 -8.59 -20.76 31.07
C PHE A 95 -7.26 -20.62 31.78
N CYS A 96 -7.02 -21.51 32.75
CA CYS A 96 -5.75 -21.53 33.45
C CYS A 96 -4.63 -21.98 32.52
N ALA A 97 -3.53 -21.24 32.50
CA ALA A 97 -2.42 -21.55 31.63
C ALA A 97 -1.14 -20.97 32.19
N ALA A 98 -0.02 -21.59 31.85
CA ALA A 98 1.29 -21.03 32.13
C ALA A 98 1.40 -19.66 31.46
N CYS A 99 1.95 -18.68 32.19
CA CYS A 99 1.77 -17.30 31.76
C CYS A 99 2.49 -17.02 30.45
N HIS A 100 3.64 -17.64 30.21
CA HIS A 100 4.34 -17.41 28.95
C HIS A 100 3.63 -18.06 27.76
N GLY A 101 2.98 -19.21 27.97
CA GLY A 101 2.15 -19.75 26.91
C GLY A 101 0.92 -18.90 26.64
N CYS A 102 0.36 -18.30 27.69
CA CYS A 102 -0.74 -17.37 27.51
C CYS A 102 -0.29 -16.12 26.77
N LEU A 103 0.95 -15.69 27.00
CA LEU A 103 1.48 -14.54 26.28
C LEU A 103 1.55 -14.81 24.79
N PHE A 104 2.06 -15.99 24.40
CA PHE A 104 2.16 -16.32 22.98
C PHE A 104 0.79 -16.39 22.34
N ILE A 105 -0.20 -16.95 23.04
CA ILE A 105 -1.57 -16.97 22.54
C ILE A 105 -2.11 -15.56 22.37
N ALA A 106 -1.75 -14.65 23.28
CA ALA A 106 -2.29 -13.30 23.24
C ALA A 106 -1.54 -12.41 22.25
N CYS A 107 -0.27 -12.69 21.98
CA CYS A 107 0.56 -11.77 21.21
C CYS A 107 0.81 -12.21 19.77
N PHE A 108 0.44 -13.43 19.39
CA PHE A 108 0.78 -13.89 18.04
C PHE A 108 0.06 -13.08 16.98
N VAL A 109 -1.13 -12.55 17.28
CA VAL A 109 -1.83 -11.71 16.31
C VAL A 109 -1.06 -10.41 16.09
N LEU A 110 -0.31 -9.94 17.09
CA LEU A 110 0.53 -8.75 16.91
C LEU A 110 1.67 -9.02 15.94
N VAL A 111 2.18 -10.25 15.92
CA VAL A 111 3.22 -10.61 14.95
C VAL A 111 2.67 -10.53 13.54
N LEU A 112 1.50 -11.13 13.31
CA LEU A 112 0.89 -11.11 11.98
C LEU A 112 0.55 -9.69 11.56
N THR A 113 -0.03 -8.91 12.47
CA THR A 113 -0.40 -7.54 12.15
C THR A 113 0.83 -6.70 11.83
N GLN A 114 1.92 -6.90 12.57
CA GLN A 114 3.14 -6.15 12.30
C GLN A 114 3.71 -6.51 10.93
N SER A 115 3.60 -7.78 10.54
CA SER A 115 4.04 -8.19 9.21
C SER A 115 3.24 -7.48 8.12
N LYS A 116 1.94 -7.30 8.34
CA LYS A 116 1.13 -6.60 7.35
C LYS A 116 1.50 -5.13 7.27
N ILE A 117 1.83 -4.52 8.41
CA ILE A 117 2.29 -3.14 8.41
C ILE A 117 3.55 -2.99 7.57
N PHE A 118 4.50 -3.91 7.73
CA PHE A 118 5.71 -3.88 6.93
C PHE A 118 5.41 -4.10 5.45
N SER A 119 4.50 -5.02 5.14
CA SER A 119 4.14 -5.25 3.74
C SER A 119 3.47 -4.02 3.14
N LEU A 120 2.57 -3.39 3.89
CA LEU A 120 1.90 -2.20 3.38
C LEU A 120 2.86 -1.05 3.16
N LEU A 121 3.82 -0.87 4.07
CA LEU A 121 4.80 0.19 3.91
C LEU A 121 5.71 -0.06 2.71
N ALA A 122 6.06 -1.33 2.47
CA ALA A 122 6.91 -1.64 1.33
C ALA A 122 6.19 -1.44 0.00
N ILE A 123 4.88 -1.72 -0.03
CA ILE A 123 4.11 -1.51 -1.25
C ILE A 123 4.08 -0.04 -1.62
N ALA A 124 3.86 0.83 -0.63
CA ALA A 124 3.86 2.27 -0.89
C ALA A 124 5.22 2.74 -1.37
N ILE A 125 6.30 2.24 -0.76
CA ILE A 125 7.64 2.61 -1.19
C ILE A 125 7.93 2.09 -2.58
N ASP A 126 7.50 0.86 -2.87
CA ASP A 126 7.70 0.30 -4.21
C ASP A 126 7.00 1.14 -5.27
N ARG A 127 5.79 1.62 -4.98
CA ARG A 127 5.07 2.41 -5.98
C ARG A 127 5.65 3.81 -6.11
N TYR A 128 6.16 4.37 -5.01
CA TYR A 128 6.82 5.68 -5.10
C TYR A 128 8.08 5.59 -5.94
N ILE A 129 8.81 4.49 -5.83
CA ILE A 129 10.01 4.30 -6.66
C ILE A 129 9.62 4.14 -8.13
N ALA A 130 8.51 3.45 -8.39
CA ALA A 130 8.10 3.22 -9.77
C ALA A 130 7.68 4.51 -10.47
N ILE A 131 7.15 5.48 -9.73
CA ILE A 131 6.70 6.72 -10.33
C ILE A 131 7.75 7.82 -10.27
N ARG A 132 8.70 7.74 -9.36
CA ARG A 132 9.74 8.76 -9.25
C ARG A 132 10.88 8.49 -10.22
N ILE A 133 11.30 7.23 -10.35
CA ILE A 133 12.40 6.85 -11.22
C ILE A 133 12.04 5.57 -11.98
N PRO A 134 11.09 5.61 -12.92
CA PRO A 134 10.70 4.38 -13.62
C PRO A 134 11.81 3.78 -14.47
N LEU A 135 12.78 4.58 -14.90
CA LEU A 135 13.88 4.04 -15.70
C LEU A 135 14.79 3.15 -14.86
N ARG A 136 14.96 3.48 -13.57
CA ARG A 136 15.84 2.74 -12.68
C ARG A 136 15.08 1.74 -11.80
N TYR A 137 13.79 1.52 -12.07
CA TYR A 137 13.00 0.69 -11.17
C TYR A 137 13.41 -0.79 -11.25
N ASN A 138 13.42 -1.35 -12.46
CA ASN A 138 13.69 -2.77 -12.60
C ASN A 138 15.10 -3.15 -12.15
N GLY A 139 16.05 -2.20 -12.23
CA GLY A 139 17.38 -2.47 -11.71
C GLY A 139 17.52 -2.29 -10.22
N LEU A 140 16.63 -1.51 -9.61
CA LEU A 140 16.67 -1.26 -8.18
C LEU A 140 15.80 -2.24 -7.40
N VAL A 141 14.56 -2.44 -7.84
CA VAL A 141 13.58 -3.25 -7.13
C VAL A 141 13.46 -4.58 -7.88
N THR A 142 14.16 -5.60 -7.39
CA THR A 142 14.17 -6.92 -7.99
C THR A 142 13.45 -7.92 -7.10
N GLY A 143 13.14 -9.08 -7.68
CA GLY A 143 12.45 -10.11 -6.91
C GLY A 143 13.31 -10.69 -5.80
N THR A 144 14.61 -10.82 -6.04
CA THR A 144 15.49 -11.37 -5.02
C THR A 144 15.59 -10.44 -3.82
N ARG A 145 15.74 -9.14 -4.07
CA ARG A 145 15.78 -8.18 -2.97
C ARG A 145 14.44 -8.11 -2.25
N ALA A 146 13.34 -8.25 -2.98
CA ALA A 146 12.03 -8.22 -2.34
C ALA A 146 11.88 -9.39 -1.37
N LYS A 147 12.29 -10.59 -1.78
CA LYS A 147 12.20 -11.75 -0.91
C LYS A 147 13.04 -11.57 0.34
N GLY A 148 14.24 -10.99 0.20
CA GLY A 148 15.05 -10.70 1.37
C GLY A 148 14.41 -9.70 2.30
N ILE A 149 13.78 -8.65 1.74
CA ILE A 149 13.07 -7.68 2.56
C ILE A 149 11.92 -8.35 3.30
N ILE A 150 11.18 -9.22 2.62
CA ILE A 150 10.04 -9.88 3.24
C ILE A 150 10.47 -10.79 4.38
N ALA A 151 11.53 -11.57 4.16
CA ALA A 151 12.01 -12.47 5.21
C ALA A 151 12.52 -11.69 6.41
N ILE A 152 13.19 -10.55 6.17
CA ILE A 152 13.68 -9.73 7.28
C ILE A 152 12.52 -9.16 8.08
N CYS A 153 11.47 -8.71 7.39
CA CYS A 153 10.34 -8.09 8.07
C CYS A 153 9.56 -9.11 8.89
N TRP A 154 9.49 -10.37 8.46
CA TRP A 154 8.84 -11.40 9.26
C TRP A 154 9.61 -11.67 10.54
N VAL A 155 10.95 -11.65 10.48
CA VAL A 155 11.76 -11.83 11.68
C VAL A 155 11.52 -10.68 12.65
N LEU A 156 11.53 -9.45 12.13
CA LEU A 156 11.27 -8.29 12.98
C LEU A 156 9.85 -8.30 13.52
N SER A 157 8.89 -8.83 12.77
CA SER A 157 7.51 -8.89 13.26
C SER A 157 7.40 -9.81 14.45
N PHE A 158 8.08 -10.96 14.41
CA PHE A 158 8.10 -11.86 15.55
C PHE A 158 8.76 -11.20 16.76
N ALA A 159 9.86 -10.50 16.54
CA ALA A 159 10.55 -9.85 17.64
C ALA A 159 9.70 -8.72 18.24
N ILE A 160 9.00 -7.98 17.40
CA ILE A 160 8.16 -6.88 17.88
C ILE A 160 6.92 -7.43 18.59
N GLY A 161 6.21 -8.34 17.94
CA GLY A 161 4.95 -8.82 18.47
C GLY A 161 5.10 -9.65 19.74
N LEU A 162 6.23 -10.33 19.89
CA LEU A 162 6.45 -11.20 21.04
C LEU A 162 7.35 -10.55 22.08
N THR A 163 7.55 -9.24 22.01
CA THR A 163 8.33 -8.52 23.02
C THR A 163 7.83 -8.76 24.45
N PRO A 164 6.52 -8.82 24.74
CA PRO A 164 6.12 -9.19 26.11
C PRO A 164 6.70 -10.50 26.61
N MET A 165 6.97 -11.45 25.72
CA MET A 165 7.59 -12.71 26.15
C MET A 165 9.04 -12.53 26.56
N LEU A 166 9.66 -11.41 26.20
CA LEU A 166 11.03 -11.13 26.62
C LEU A 166 11.11 -10.49 28.00
N GLY A 167 9.97 -10.27 28.66
CA GLY A 167 9.99 -9.79 30.03
C GLY A 167 9.06 -8.64 30.31
N TRP A 168 8.56 -7.99 29.25
CA TRP A 168 7.63 -6.86 29.38
C TRP A 168 6.20 -7.40 29.48
N ASN A 169 5.89 -7.97 30.63
CA ASN A 169 4.58 -8.57 30.85
C ASN A 169 4.18 -8.41 32.30
N ASN A 170 2.93 -8.76 32.60
CA ASN A 170 2.40 -8.75 33.96
C ASN A 170 2.41 -10.13 34.60
N CYS A 171 3.23 -11.05 34.10
CA CYS A 171 3.31 -12.37 34.70
C CYS A 171 3.83 -12.31 36.13
N GLY A 172 4.72 -11.38 36.43
CA GLY A 172 5.22 -11.21 37.78
C GLY A 172 4.24 -10.57 38.74
N GLN A 173 3.12 -10.06 38.24
CA GLN A 173 2.08 -9.44 39.06
C GLN A 173 0.74 -10.09 38.73
N PRO A 174 0.55 -11.34 39.14
CA PRO A 174 -0.69 -12.06 38.78
C PRO A 174 -1.87 -11.66 39.65
N LYS A 175 -3.06 -11.75 39.06
CA LYS A 175 -4.31 -11.51 39.77
C LYS A 175 -4.59 -12.75 40.63
N GLU A 176 -4.15 -12.70 41.88
CA GLU A 176 -4.26 -13.87 42.74
C GLU A 176 -5.71 -14.23 43.05
N GLY A 177 -6.60 -13.23 43.04
CA GLY A 177 -8.01 -13.53 43.26
C GLY A 177 -8.62 -14.33 42.13
N LYS A 178 -8.36 -13.92 40.88
CA LYS A 178 -8.88 -14.67 39.73
C LYS A 178 -8.23 -16.05 39.64
N ASN A 179 -6.93 -16.14 39.90
CA ASN A 179 -6.23 -17.41 39.75
C ASN A 179 -6.64 -18.41 40.83
N HIS A 180 -7.01 -17.92 42.02
CA HIS A 180 -7.48 -18.82 43.06
C HIS A 180 -8.93 -19.24 42.84
N SER A 181 -9.77 -18.31 42.39
CA SER A 181 -11.18 -18.63 42.17
C SER A 181 -11.35 -19.65 41.05
N GLN A 182 -10.59 -19.50 39.97
CA GLN A 182 -10.60 -20.46 38.88
C GLN A 182 -9.76 -21.70 39.17
N GLY A 183 -9.04 -21.71 40.31
CA GLY A 183 -8.32 -22.91 40.70
C GLY A 183 -7.14 -23.22 39.82
N CYS A 184 -6.39 -22.20 39.41
CA CYS A 184 -5.23 -22.43 38.58
C CYS A 184 -4.08 -23.01 39.40
N GLY A 185 -3.25 -23.81 38.73
CA GLY A 185 -2.12 -24.42 39.40
C GLY A 185 -1.01 -23.43 39.64
N GLU A 186 0.12 -23.97 40.11
CA GLU A 186 1.27 -23.14 40.40
C GLU A 186 1.94 -22.71 39.09
N GLY A 187 2.34 -21.43 39.05
CA GLY A 187 2.89 -20.86 37.84
C GLY A 187 1.88 -20.57 36.76
N GLN A 188 0.59 -20.82 37.02
CA GLN A 188 -0.48 -20.59 36.06
C GLN A 188 -1.23 -19.31 36.39
N VAL A 189 -1.83 -18.71 35.37
CA VAL A 189 -2.69 -17.56 35.52
C VAL A 189 -3.95 -17.78 34.72
N ALA A 190 -5.00 -17.05 35.09
CA ALA A 190 -6.19 -16.98 34.24
C ALA A 190 -5.83 -16.26 32.95
N CYS A 191 -5.81 -16.98 31.83
CA CYS A 191 -5.33 -16.40 30.59
C CYS A 191 -6.28 -15.32 30.07
N LEU A 192 -6.07 -14.08 30.50
CA LEU A 192 -6.85 -12.93 30.04
C LEU A 192 -5.90 -11.88 29.46
N PHE A 193 -6.29 -11.29 28.33
CA PHE A 193 -5.37 -10.41 27.60
C PHE A 193 -4.88 -9.26 28.46
N GLU A 194 -5.80 -8.49 29.03
CA GLU A 194 -5.40 -7.31 29.80
C GLU A 194 -4.78 -7.65 31.15
N ASP A 195 -4.75 -8.92 31.53
CA ASP A 195 -4.10 -9.34 32.76
C ASP A 195 -2.62 -9.69 32.57
N VAL A 196 -2.22 -10.02 31.34
CA VAL A 196 -0.86 -10.51 31.11
C VAL A 196 -0.08 -9.57 30.20
N VAL A 197 -0.78 -8.89 29.29
CA VAL A 197 -0.14 -7.98 28.35
C VAL A 197 -0.20 -6.58 28.93
N PRO A 198 0.94 -5.91 29.15
CA PRO A 198 0.90 -4.58 29.75
C PRO A 198 0.28 -3.57 28.79
N MET A 199 -0.55 -2.68 29.34
CA MET A 199 -1.23 -1.72 28.49
C MET A 199 -0.28 -0.64 28.01
N ASN A 200 0.80 -0.35 28.76
CA ASN A 200 1.78 0.60 28.27
C ASN A 200 2.53 0.07 27.06
N TYR A 201 2.75 -1.25 26.99
CA TYR A 201 3.28 -1.84 25.77
C TYR A 201 2.30 -1.66 24.61
N MET A 202 1.01 -1.90 24.87
CA MET A 202 0.02 -1.84 23.81
C MET A 202 -0.15 -0.43 23.27
N VAL A 203 -0.01 0.58 24.13
CA VAL A 203 -0.26 1.96 23.74
C VAL A 203 1.00 2.59 23.17
N TYR A 204 2.06 2.65 23.99
CA TYR A 204 3.28 3.33 23.58
C TYR A 204 4.04 2.54 22.52
N PHE A 205 4.26 1.25 22.77
CA PHE A 205 5.13 0.47 21.90
C PHE A 205 4.39 -0.02 20.66
N ASN A 206 3.30 -0.76 20.84
CA ASN A 206 2.64 -1.38 19.70
C ASN A 206 1.87 -0.35 18.88
N PHE A 207 0.99 0.42 19.53
CA PHE A 207 0.18 1.38 18.80
C PHE A 207 1.00 2.56 18.28
N PHE A 208 1.52 3.38 19.20
CA PHE A 208 2.20 4.62 18.80
C PHE A 208 3.38 4.33 17.88
N ALA A 209 4.32 3.49 18.34
CA ALA A 209 5.57 3.32 17.62
C ALA A 209 5.44 2.36 16.44
N CYS A 210 4.76 1.23 16.63
CA CYS A 210 4.81 0.17 15.63
C CYS A 210 3.64 0.20 14.65
N VAL A 211 2.56 0.90 14.96
CA VAL A 211 1.40 0.93 14.07
C VAL A 211 1.13 2.34 13.59
N LEU A 212 1.00 3.28 14.53
CA LEU A 212 0.56 4.62 14.17
C LEU A 212 1.63 5.34 13.33
N VAL A 213 2.89 5.28 13.77
CA VAL A 213 3.97 5.94 13.03
C VAL A 213 4.12 5.36 11.63
N PRO A 214 4.15 4.04 11.40
CA PRO A 214 4.22 3.55 10.02
C PRO A 214 3.02 3.94 9.18
N LEU A 215 1.82 4.00 9.77
CA LEU A 215 0.64 4.42 9.02
C LEU A 215 0.78 5.86 8.55
N LEU A 216 1.29 6.74 9.41
CA LEU A 216 1.51 8.12 9.01
C LEU A 216 2.57 8.21 7.91
N LEU A 217 3.58 7.34 7.98
CA LEU A 217 4.59 7.31 6.91
C LEU A 217 3.97 6.87 5.59
N MET A 218 3.10 5.86 5.62
CA MET A 218 2.41 5.46 4.39
C MET A 218 1.56 6.60 3.84
N LEU A 219 0.92 7.37 4.71
CA LEU A 219 0.17 8.54 4.26
C LEU A 219 1.08 9.52 3.55
N GLY A 220 2.28 9.76 4.09
CA GLY A 220 3.20 10.68 3.46
C GLY A 220 3.74 10.18 2.14
N VAL A 221 3.96 8.86 2.03
CA VAL A 221 4.47 8.29 0.79
C VAL A 221 3.42 8.40 -0.32
N TYR A 222 2.18 8.03 -0.02
CA TYR A 222 1.12 8.13 -1.01
C TYR A 222 0.86 9.58 -1.40
N LEU A 223 0.95 10.50 -0.44
CA LEU A 223 0.83 11.91 -0.79
C LEU A 223 1.94 12.35 -1.74
N ARG A 224 3.15 11.84 -1.53
CA ARG A 224 4.24 12.14 -2.45
C ARG A 224 4.02 11.46 -3.81
N ILE A 225 3.35 10.31 -3.82
CA ILE A 225 3.07 9.63 -5.08
C ILE A 225 2.12 10.46 -5.93
N PHE A 226 1.01 10.91 -5.32
CA PHE A 226 0.05 11.72 -6.05
C PHE A 226 0.63 13.08 -6.43
N LEU A 227 1.50 13.64 -5.59
CA LEU A 227 2.15 14.90 -5.94
C LEU A 227 3.09 14.71 -7.14
N ALA A 228 3.81 13.59 -7.18
CA ALA A 228 4.69 13.34 -8.31
C ALA A 228 3.90 13.14 -9.60
N ALA A 229 2.77 12.42 -9.52
CA ALA A 229 1.95 12.20 -10.71
C ALA A 229 1.34 13.50 -11.21
N ARG A 230 0.83 14.33 -10.29
CA ARG A 230 0.24 15.59 -10.69
C ARG A 230 1.28 16.51 -11.33
N ARG A 231 2.51 16.48 -10.84
CA ARG A 231 3.56 17.33 -11.39
C ARG A 231 3.99 16.85 -12.77
N GLN A 232 4.12 15.53 -12.94
CA GLN A 232 4.56 14.99 -14.23
C GLN A 232 3.49 15.18 -15.30
N LEU A 233 2.21 15.01 -14.93
CA LEU A 233 1.13 15.22 -15.88
C LEU A 233 1.07 16.69 -16.32
N ALA A 234 1.35 17.61 -15.39
CA ALA A 234 1.37 19.03 -15.76
C ALA A 234 2.55 19.35 -16.66
N ASP A 235 3.70 18.71 -16.43
CA ASP A 235 4.87 18.95 -17.28
C ASP A 235 4.64 18.43 -18.69
N LEU A 236 3.90 17.33 -18.85
CA LEU A 236 3.59 16.85 -20.20
C LEU A 236 2.74 17.84 -20.95
N GLU A 237 1.73 18.43 -20.29
CA GLU A 237 0.91 19.44 -20.93
C GLU A 237 1.68 20.73 -21.16
N ASP A 238 2.62 21.06 -20.27
CA ASP A 238 3.44 22.26 -20.47
C ASP A 238 4.31 22.14 -21.71
N ASN A 239 4.99 21.01 -21.87
CA ASN A 239 5.79 20.79 -23.07
C ASN A 239 4.92 20.72 -24.32
N TRP A 240 3.71 20.16 -24.19
CA TRP A 240 2.82 20.05 -25.34
C TRP A 240 2.34 21.42 -25.80
N GLU A 241 1.92 22.27 -24.85
CA GLU A 241 1.46 23.60 -25.21
C GLU A 241 2.62 24.51 -25.61
N THR A 242 3.80 24.30 -25.03
CA THR A 242 4.97 25.04 -25.47
C THR A 242 5.28 24.75 -26.94
N LEU A 243 5.02 23.52 -27.38
CA LEU A 243 5.21 23.16 -28.78
C LEU A 243 4.23 23.91 -29.68
N ASN A 244 2.95 23.94 -29.29
CA ASN A 244 1.93 24.52 -30.15
C ASN A 244 1.91 26.04 -30.08
N ASP A 245 2.25 26.63 -28.93
CA ASP A 245 2.24 28.09 -28.83
C ASP A 245 3.40 28.70 -29.59
N ASN A 246 4.60 28.11 -29.48
CA ASN A 246 5.73 28.59 -30.25
C ASN A 246 5.55 28.41 -31.75
N LEU A 247 4.68 27.48 -32.17
CA LEU A 247 4.37 27.37 -33.59
C LEU A 247 3.61 28.60 -34.08
N LYS A 248 2.67 29.10 -33.27
CA LYS A 248 1.95 30.31 -33.65
C LYS A 248 2.86 31.53 -33.66
N VAL A 249 3.86 31.56 -32.78
CA VAL A 249 4.80 32.67 -32.77
C VAL A 249 5.59 32.71 -34.07
N ILE A 250 5.95 31.55 -34.61
CA ILE A 250 6.72 31.51 -35.85
C ILE A 250 5.85 31.91 -37.04
N GLU A 251 4.59 31.46 -37.06
CA GLU A 251 3.72 31.76 -38.20
C GLU A 251 3.40 33.24 -38.31
N LYS A 252 3.39 33.96 -37.18
CA LYS A 252 3.04 35.37 -37.16
C LYS A 252 4.25 36.27 -36.89
N ALA A 253 5.46 35.73 -37.01
CA ALA A 253 6.65 36.53 -36.76
C ALA A 253 6.97 37.42 -37.95
N ASP A 254 7.75 38.46 -37.69
CA ASP A 254 8.20 39.40 -38.72
C ASP A 254 9.71 39.46 -38.84
N ASN A 255 10.44 39.33 -37.73
CA ASN A 255 11.89 39.36 -37.72
C ASN A 255 12.44 37.94 -37.69
N ALA A 256 13.68 37.80 -38.17
CA ALA A 256 14.32 36.48 -38.15
C ALA A 256 14.65 36.04 -36.74
N ALA A 257 14.98 36.97 -35.84
CA ALA A 257 15.27 36.60 -34.47
C ALA A 257 14.03 36.10 -33.73
N GLN A 258 12.85 36.57 -34.12
CA GLN A 258 11.62 36.08 -33.52
C GLN A 258 11.41 34.60 -33.85
N VAL A 259 11.71 34.21 -35.08
CA VAL A 259 11.63 32.79 -35.45
C VAL A 259 12.73 32.01 -34.75
N LYS A 260 13.91 32.60 -34.60
CA LYS A 260 15.02 31.90 -33.98
C LYS A 260 14.78 31.68 -32.49
N ASP A 261 14.27 32.69 -31.79
CA ASP A 261 14.03 32.56 -30.35
C ASP A 261 12.91 31.56 -30.08
N ALA A 262 11.87 31.54 -30.93
CA ALA A 262 10.80 30.58 -30.75
C ALA A 262 11.26 29.16 -31.05
N LEU A 263 12.18 28.99 -32.00
CA LEU A 263 12.70 27.67 -32.32
C LEU A 263 13.67 27.15 -31.27
N THR A 264 14.46 28.05 -30.66
CA THR A 264 15.36 27.63 -29.58
C THR A 264 14.57 27.08 -28.40
N LYS A 265 13.43 27.69 -28.09
CA LYS A 265 12.58 27.22 -27.01
C LYS A 265 11.79 25.98 -27.38
N MET A 266 11.57 25.73 -28.68
CA MET A 266 10.99 24.44 -29.08
C MET A 266 12.02 23.32 -28.96
N ARG A 267 13.26 23.59 -29.35
CA ARG A 267 14.30 22.56 -29.28
C ARG A 267 14.59 22.16 -27.85
N ALA A 268 14.44 23.08 -26.89
CA ALA A 268 14.60 22.73 -25.49
C ALA A 268 13.43 21.89 -25.01
N ALA A 269 12.20 22.30 -25.35
CA ALA A 269 11.02 21.54 -24.97
C ALA A 269 10.91 20.21 -25.72
N ALA A 270 11.61 20.06 -26.84
CA ALA A 270 11.61 18.79 -27.56
C ALA A 270 12.58 17.80 -26.92
N LEU A 271 13.81 18.22 -26.66
CA LEU A 271 14.78 17.33 -26.02
C LEU A 271 14.36 16.99 -24.59
N ASP A 272 13.70 17.92 -23.90
CA ASP A 272 13.26 17.68 -22.54
C ASP A 272 12.00 16.83 -22.46
N ALA A 273 11.34 16.59 -23.59
CA ALA A 273 10.16 15.72 -23.61
C ALA A 273 10.52 14.26 -23.81
N GLN A 274 11.64 13.97 -24.46
CA GLN A 274 12.12 12.61 -24.61
C GLN A 274 13.03 12.17 -23.48
N LYS A 275 13.62 13.11 -22.75
CA LYS A 275 14.52 12.79 -21.65
C LYS A 275 13.72 12.37 -20.41
N GLU A 290 8.84 -0.97 -30.32
CA GLU A 290 8.09 0.21 -30.75
C GLU A 290 8.52 1.43 -29.95
N MET A 291 9.46 1.25 -29.03
CA MET A 291 10.00 2.39 -28.29
C MET A 291 10.91 3.24 -29.16
N LYS A 292 11.55 2.64 -30.16
CA LYS A 292 12.31 3.39 -31.13
C LYS A 292 11.41 4.12 -32.14
N ASP A 293 10.16 3.68 -32.28
CA ASP A 293 9.21 4.42 -33.09
C ASP A 293 8.91 5.79 -32.50
N PHE A 294 8.92 5.89 -31.16
CA PHE A 294 8.81 7.19 -30.51
C PHE A 294 10.14 7.93 -30.51
N ARG A 295 11.25 7.20 -30.47
CA ARG A 295 12.56 7.84 -30.60
C ARG A 295 12.75 8.38 -32.02
N HIS A 296 12.29 7.65 -33.02
CA HIS A 296 12.35 8.13 -34.39
C HIS A 296 11.48 9.38 -34.59
N GLY A 297 10.43 9.52 -33.77
CA GLY A 297 9.58 10.70 -33.88
C GLY A 297 10.29 11.97 -33.44
N PHE A 298 10.99 11.91 -32.30
CA PHE A 298 11.74 13.07 -31.85
C PHE A 298 12.95 13.33 -32.73
N ASP A 299 13.50 12.30 -33.36
CA ASP A 299 14.60 12.51 -34.30
C ASP A 299 14.14 13.35 -35.49
N ILE A 300 12.93 13.09 -36.00
CA ILE A 300 12.37 13.92 -37.06
C ILE A 300 12.06 15.31 -36.54
N LEU A 301 11.49 15.41 -35.33
CA LEU A 301 11.09 16.70 -34.79
C LEU A 301 12.30 17.61 -34.58
N VAL A 302 13.30 17.12 -33.84
CA VAL A 302 14.50 17.91 -33.60
C VAL A 302 15.23 18.19 -34.91
N GLY A 303 15.21 17.23 -35.85
CA GLY A 303 15.85 17.45 -37.13
C GLY A 303 15.20 18.57 -37.92
N GLN A 304 13.87 18.63 -37.90
CA GLN A 304 13.16 19.70 -38.59
C GLN A 304 13.39 21.04 -37.91
N ILE A 305 13.47 21.05 -36.58
CA ILE A 305 13.75 22.29 -35.85
C ILE A 305 15.15 22.80 -36.20
N ASP A 306 16.13 21.89 -36.28
CA ASP A 306 17.46 22.30 -36.69
C ASP A 306 17.47 22.79 -38.13
N ASP A 307 16.62 22.24 -38.99
CA ASP A 307 16.52 22.71 -40.36
C ASP A 307 15.98 24.13 -40.41
N ALA A 308 14.91 24.40 -39.66
CA ALA A 308 14.36 25.75 -39.61
C ALA A 308 15.29 26.71 -38.89
N LEU A 309 16.04 26.23 -37.90
CA LEU A 309 17.00 27.09 -37.21
C LEU A 309 18.12 27.53 -38.14
N LYS A 310 18.55 26.65 -39.04
CA LYS A 310 19.59 27.03 -39.99
C LYS A 310 19.09 28.10 -40.95
N LEU A 311 17.82 28.03 -41.34
CA LEU A 311 17.27 29.05 -42.24
C LEU A 311 17.05 30.37 -41.51
N ALA A 312 16.62 30.31 -40.26
CA ALA A 312 16.37 31.54 -39.50
C ALA A 312 17.67 32.28 -39.22
N ASN A 313 18.76 31.55 -38.98
CA ASN A 313 20.05 32.19 -38.76
C ASN A 313 20.57 32.87 -40.02
N GLU A 314 20.23 32.32 -41.19
CA GLU A 314 20.64 32.92 -42.45
C GLU A 314 19.85 34.18 -42.80
N GLY A 315 18.79 34.49 -42.06
CA GLY A 315 17.92 35.61 -42.35
C GLY A 315 16.69 35.25 -43.15
N LYS A 316 16.67 34.07 -43.77
CA LYS A 316 15.50 33.60 -44.51
C LYS A 316 14.32 33.43 -43.57
N VAL A 317 13.34 34.33 -43.65
CA VAL A 317 12.19 34.28 -42.74
C VAL A 317 11.05 33.45 -43.33
N LYS A 318 10.74 33.65 -44.61
CA LYS A 318 9.66 32.89 -45.22
C LYS A 318 10.01 31.42 -45.34
N GLU A 319 11.26 31.11 -45.68
CA GLU A 319 11.67 29.71 -45.79
C GLU A 319 11.78 29.05 -44.42
N ALA A 320 12.09 29.83 -43.38
CA ALA A 320 12.11 29.28 -42.03
C ALA A 320 10.71 29.03 -41.49
N GLN A 321 9.74 29.85 -41.90
CA GLN A 321 8.36 29.64 -41.48
C GLN A 321 7.77 28.39 -42.11
N ALA A 322 8.00 28.19 -43.41
CA ALA A 322 7.49 26.99 -44.08
C ALA A 322 8.16 25.73 -43.56
N ALA A 323 9.43 25.82 -43.15
CA ALA A 323 10.09 24.66 -42.56
C ALA A 323 9.51 24.31 -41.21
N ALA A 324 9.18 25.32 -40.40
CA ALA A 324 8.54 25.08 -39.12
C ALA A 324 7.11 24.56 -39.27
N GLU A 325 6.48 24.78 -40.42
CA GLU A 325 5.15 24.24 -40.66
C GLU A 325 5.18 22.73 -40.81
N GLN A 326 6.31 22.17 -41.27
CA GLN A 326 6.44 20.72 -41.39
C GLN A 326 6.38 20.02 -40.04
N LEU A 327 6.58 20.76 -38.94
CA LEU A 327 6.53 20.16 -37.61
C LEU A 327 5.14 19.66 -37.24
N LYS A 328 4.10 20.19 -37.90
CA LYS A 328 2.74 19.79 -37.53
C LYS A 328 2.47 18.32 -37.87
N THR A 329 2.93 17.87 -39.04
CA THR A 329 2.73 16.48 -39.42
C THR A 329 3.46 15.54 -38.47
N THR A 330 4.68 15.91 -38.08
CA THR A 330 5.41 15.10 -37.11
C THR A 330 4.71 15.11 -35.74
N ARG A 331 4.11 16.25 -35.39
CA ARG A 331 3.39 16.36 -34.13
C ARG A 331 2.17 15.44 -34.11
N ASN A 332 1.44 15.37 -35.23
CA ASN A 332 0.24 14.55 -35.27
C ASN A 332 0.57 13.06 -35.30
N ALA A 333 1.50 12.66 -36.16
CA ALA A 333 1.79 11.25 -36.37
C ALA A 333 2.74 10.65 -35.35
N TYR A 334 3.35 11.48 -34.49
CA TYR A 334 4.32 10.96 -33.53
C TYR A 334 4.14 11.56 -32.15
N ILE A 335 4.31 12.88 -32.04
CA ILE A 335 4.40 13.53 -30.72
C ILE A 335 3.10 13.36 -29.95
N GLN A 336 1.96 13.45 -30.64
CA GLN A 336 0.68 13.31 -29.95
C GLN A 336 0.47 11.89 -29.46
N LYS A 337 1.02 10.89 -30.16
CA LYS A 337 0.90 9.51 -29.69
C LYS A 337 1.69 9.29 -28.41
N TYR A 338 2.86 9.92 -28.29
CA TYR A 338 3.65 9.78 -27.07
C TYR A 338 2.97 10.45 -25.89
N LEU A 339 2.36 11.63 -26.11
CA LEU A 339 1.70 12.35 -25.03
C LEU A 339 0.55 11.55 -24.45
N GLU A 340 -0.30 10.98 -25.30
CA GLU A 340 -1.46 10.25 -24.82
C GLU A 340 -1.07 8.92 -24.18
N ARG A 341 0.02 8.31 -24.63
CA ARG A 341 0.48 7.07 -24.00
C ARG A 341 1.17 7.35 -22.67
N ALA A 342 1.98 8.41 -22.62
CA ALA A 342 2.60 8.80 -21.36
C ALA A 342 1.56 9.27 -20.34
N ARG A 343 0.51 9.93 -20.83
CA ARG A 343 -0.58 10.34 -19.95
C ARG A 343 -1.38 9.15 -19.47
N SER A 344 -1.56 8.15 -20.33
CA SER A 344 -2.33 6.96 -19.94
C SER A 344 -1.57 6.14 -18.91
N THR A 345 -0.26 6.04 -19.03
CA THR A 345 0.53 5.29 -18.06
C THR A 345 0.50 5.97 -16.70
N LEU A 346 0.59 7.31 -16.67
CA LEU A 346 0.55 8.03 -15.40
C LEU A 346 -0.82 7.91 -14.75
N GLN A 347 -1.88 7.93 -15.54
CA GLN A 347 -3.22 7.79 -14.96
C GLN A 347 -3.45 6.39 -14.40
N LYS A 348 -2.84 5.36 -15.01
CA LYS A 348 -2.93 4.02 -14.44
C LYS A 348 -2.20 3.94 -13.11
N GLU A 349 -1.06 4.63 -13.00
CA GLU A 349 -0.31 4.62 -11.74
C GLU A 349 -1.08 5.34 -10.64
N VAL A 350 -1.81 6.40 -10.99
CA VAL A 350 -2.65 7.08 -10.00
C VAL A 350 -3.76 6.14 -9.53
N HIS A 351 -4.44 5.49 -10.48
CA HIS A 351 -5.53 4.59 -10.13
C HIS A 351 -5.05 3.40 -9.31
N ALA A 352 -3.90 2.83 -9.70
CA ALA A 352 -3.34 1.71 -8.94
C ALA A 352 -2.93 2.15 -7.54
N ALA A 353 -2.37 3.36 -7.41
CA ALA A 353 -1.97 3.82 -6.09
C ALA A 353 -3.18 4.13 -5.21
N LYS A 354 -4.28 4.60 -5.80
CA LYS A 354 -5.49 4.82 -5.03
C LYS A 354 -6.04 3.50 -4.50
N SER A 355 -5.99 2.44 -5.31
CA SER A 355 -6.48 1.14 -4.85
C SER A 355 -5.65 0.64 -3.67
N LEU A 356 -4.33 0.77 -3.75
CA LEU A 356 -3.46 0.33 -2.65
C LEU A 356 -3.58 1.22 -1.43
N ALA A 357 -3.96 2.49 -1.63
CA ALA A 357 -4.21 3.38 -0.50
C ALA A 357 -5.50 3.01 0.22
N ILE A 358 -6.48 2.50 -0.51
CA ILE A 358 -7.73 2.06 0.12
C ILE A 358 -7.45 0.92 1.10
N ILE A 359 -6.51 0.04 0.74
CA ILE A 359 -6.17 -1.07 1.61
C ILE A 359 -5.57 -0.57 2.92
N VAL A 360 -4.72 0.45 2.84
CA VAL A 360 -4.16 1.04 4.05
C VAL A 360 -5.26 1.71 4.87
N GLY A 361 -6.19 2.38 4.21
CA GLY A 361 -7.27 3.05 4.92
C GLY A 361 -8.20 2.07 5.62
N LEU A 362 -8.50 0.95 4.97
CA LEU A 362 -9.35 -0.05 5.60
C LEU A 362 -8.63 -0.75 6.74
N PHE A 363 -7.29 -0.89 6.65
CA PHE A 363 -6.53 -1.41 7.76
C PHE A 363 -6.69 -0.52 8.99
N ALA A 364 -6.54 0.79 8.81
CA ALA A 364 -6.70 1.72 9.93
C ALA A 364 -8.13 1.70 10.44
N LEU A 365 -9.11 1.64 9.55
CA LEU A 365 -10.51 1.61 9.97
C LEU A 365 -10.80 0.39 10.83
N CYS A 366 -10.14 -0.74 10.54
CA CYS A 366 -10.42 -1.98 11.26
C CYS A 366 -9.66 -2.07 12.58
N TRP A 367 -8.48 -1.44 12.68
CA TRP A 367 -7.63 -1.58 13.85
C TRP A 367 -7.63 -0.38 14.79
N LEU A 368 -7.93 0.82 14.29
CA LEU A 368 -7.92 1.99 15.17
C LEU A 368 -8.91 1.89 16.32
N PRO A 369 -10.15 1.37 16.16
CA PRO A 369 -11.05 1.30 17.32
C PRO A 369 -10.46 0.52 18.49
N LEU A 370 -9.84 -0.62 18.23
CA LEU A 370 -9.21 -1.40 19.30
C LEU A 370 -8.06 -0.63 19.94
N HIS A 371 -7.25 0.05 19.11
CA HIS A 371 -6.16 0.86 19.66
C HIS A 371 -6.68 2.02 20.48
N ILE A 372 -7.76 2.66 20.02
CA ILE A 372 -8.29 3.83 20.72
C ILE A 372 -8.91 3.43 22.05
N ILE A 373 -9.55 2.26 22.11
CA ILE A 373 -10.10 1.79 23.37
C ILE A 373 -8.99 1.53 24.38
N ASN A 374 -7.89 0.94 23.93
CA ASN A 374 -6.75 0.71 24.82
C ASN A 374 -6.19 2.03 25.34
N CYS A 375 -6.23 3.09 24.52
CA CYS A 375 -5.79 4.39 24.97
C CYS A 375 -6.68 4.93 26.09
N PHE A 376 -8.00 4.76 25.95
CA PHE A 376 -8.90 5.16 27.03
C PHE A 376 -8.66 4.34 28.29
N THR A 377 -8.48 3.03 28.13
CA THR A 377 -8.22 2.18 29.29
C THR A 377 -6.94 2.60 30.01
N PHE A 378 -5.93 3.01 29.25
CA PHE A 378 -4.61 3.35 29.80
C PHE A 378 -4.53 4.78 30.29
N PHE A 379 -4.98 5.74 29.46
CA PHE A 379 -4.80 7.15 29.76
C PHE A 379 -5.89 7.74 30.66
N CYS A 380 -7.08 7.16 30.67
CA CYS A 380 -8.14 7.64 31.56
C CYS A 380 -8.54 6.53 32.53
N PRO A 381 -7.82 6.39 33.64
CA PRO A 381 -8.24 5.42 34.66
C PRO A 381 -9.53 5.81 35.36
N ASP A 382 -9.93 7.10 35.32
CA ASP A 382 -11.18 7.51 35.94
C ASP A 382 -12.38 7.24 35.04
N CYS A 383 -12.15 7.02 33.74
CA CYS A 383 -13.21 6.60 32.84
C CYS A 383 -13.58 5.14 33.11
N SER A 384 -14.87 4.83 33.01
CA SER A 384 -15.29 3.43 33.11
C SER A 384 -14.72 2.64 31.95
N HIS A 385 -14.28 1.41 32.23
CA HIS A 385 -13.76 0.56 31.17
C HIS A 385 -14.82 0.30 30.11
N ALA A 386 -14.38 0.29 28.86
CA ALA A 386 -15.30 0.03 27.76
C ALA A 386 -16.00 -1.31 27.98
N PRO A 387 -17.30 -1.39 27.72
CA PRO A 387 -18.06 -2.60 28.09
C PRO A 387 -17.60 -3.83 27.31
N LEU A 388 -17.99 -4.98 27.85
CA LEU A 388 -17.58 -6.26 27.28
C LEU A 388 -18.00 -6.37 25.82
N TRP A 389 -19.23 -5.97 25.50
CA TRP A 389 -19.73 -6.12 24.13
C TRP A 389 -18.95 -5.25 23.16
N LEU A 390 -18.54 -4.06 23.59
CA LEU A 390 -17.77 -3.17 22.73
C LEU A 390 -16.35 -3.69 22.53
N MET A 391 -15.77 -4.31 23.57
CA MET A 391 -14.44 -4.88 23.44
C MET A 391 -14.41 -5.94 22.34
N TYR A 392 -15.34 -6.89 22.39
CA TYR A 392 -15.33 -7.97 21.41
C TYR A 392 -15.87 -7.53 20.06
N LEU A 393 -16.65 -6.44 20.01
CA LEU A 393 -16.98 -5.85 18.73
C LEU A 393 -15.74 -5.26 18.06
N ALA A 394 -14.89 -4.60 18.86
CA ALA A 394 -13.63 -4.07 18.33
C ALA A 394 -12.67 -5.19 17.93
N ILE A 395 -12.64 -6.27 18.72
CA ILE A 395 -11.79 -7.40 18.38
C ILE A 395 -12.26 -8.05 17.09
N VAL A 396 -13.58 -8.25 16.95
CA VAL A 396 -14.12 -8.85 15.74
C VAL A 396 -13.85 -7.96 14.53
N LEU A 397 -14.00 -6.64 14.70
CA LEU A 397 -13.76 -5.72 13.59
C LEU A 397 -12.31 -5.81 13.10
N SER A 398 -11.35 -5.90 14.03
CA SER A 398 -9.96 -6.01 13.62
C SER A 398 -9.70 -7.30 12.84
N HIS A 399 -10.48 -8.35 13.11
CA HIS A 399 -10.30 -9.61 12.39
C HIS A 399 -10.90 -9.55 10.98
N THR A 400 -11.93 -8.72 10.78
CA THR A 400 -12.54 -8.61 9.46
C THR A 400 -11.59 -8.01 8.43
N ASN A 401 -10.53 -7.34 8.88
CA ASN A 401 -9.54 -6.81 7.94
C ASN A 401 -8.88 -7.94 7.15
N SER A 402 -8.83 -9.14 7.71
CA SER A 402 -8.28 -10.28 6.98
C SER A 402 -9.22 -10.80 5.88
N VAL A 403 -10.40 -10.20 5.73
CA VAL A 403 -11.35 -10.60 4.69
C VAL A 403 -11.43 -9.58 3.56
N VAL A 404 -11.10 -8.31 3.81
CA VAL A 404 -11.48 -7.26 2.88
C VAL A 404 -10.52 -7.14 1.70
N ASN A 405 -9.23 -7.44 1.89
CA ASN A 405 -8.27 -7.21 0.82
C ASN A 405 -8.56 -7.98 -0.47
N PRO A 406 -8.94 -9.26 -0.45
CA PRO A 406 -9.30 -9.92 -1.72
C PRO A 406 -10.45 -9.24 -2.45
N PHE A 407 -11.36 -8.59 -1.73
CA PHE A 407 -12.46 -7.88 -2.40
C PHE A 407 -11.95 -6.60 -3.06
N ILE A 408 -10.97 -5.94 -2.44
CA ILE A 408 -10.41 -4.74 -3.05
C ILE A 408 -9.72 -5.09 -4.37
N TYR A 409 -8.98 -6.20 -4.39
CA TYR A 409 -8.32 -6.62 -5.62
C TYR A 409 -9.33 -6.96 -6.71
N ALA A 410 -10.40 -7.69 -6.34
CA ALA A 410 -11.38 -8.11 -7.33
C ALA A 410 -12.13 -6.92 -7.90
N TYR A 411 -12.38 -5.89 -7.10
CA TYR A 411 -13.16 -4.75 -7.57
C TYR A 411 -12.32 -3.71 -8.29
N ARG A 412 -11.04 -3.57 -7.93
CA ARG A 412 -10.24 -2.44 -8.41
C ARG A 412 -9.05 -2.82 -9.28
N ILE A 413 -8.65 -4.09 -9.32
CA ILE A 413 -7.52 -4.52 -10.12
C ILE A 413 -8.03 -5.54 -11.14
N ARG A 414 -8.07 -5.14 -12.41
CA ARG A 414 -8.67 -5.99 -13.44
C ARG A 414 -7.90 -7.29 -13.60
N GLU A 415 -6.56 -7.25 -13.48
CA GLU A 415 -5.78 -8.47 -13.64
C GLU A 415 -6.11 -9.49 -12.55
N PHE A 416 -6.40 -9.01 -11.33
CA PHE A 416 -6.82 -9.93 -10.28
C PHE A 416 -8.24 -10.43 -10.52
N ARG A 417 -9.14 -9.54 -10.95
CA ARG A 417 -10.53 -9.93 -11.17
C ARG A 417 -10.66 -10.97 -12.26
N GLN A 418 -9.94 -10.80 -13.37
CA GLN A 418 -10.01 -11.75 -14.47
C GLN A 418 -9.40 -13.09 -14.07
N THR A 419 -8.35 -13.06 -13.26
CA THR A 419 -7.76 -14.31 -12.77
C THR A 419 -8.70 -15.00 -11.79
N PHE A 420 -9.40 -14.22 -10.95
CA PHE A 420 -10.38 -14.81 -10.04
C PHE A 420 -11.47 -15.55 -10.80
N ARG A 421 -11.95 -14.96 -11.90
CA ARG A 421 -12.97 -15.63 -12.71
C ARG A 421 -12.43 -16.93 -13.30
N LYS A 422 -11.22 -16.90 -13.84
CA LYS A 422 -10.62 -18.09 -14.44
C LYS A 422 -10.49 -19.20 -13.42
N ILE A 423 -10.08 -18.87 -12.18
CA ILE A 423 -9.92 -19.88 -11.14
C ILE A 423 -11.28 -20.45 -10.75
N ILE A 424 -12.30 -19.60 -10.65
CA ILE A 424 -13.59 -20.02 -10.12
C ILE A 424 -14.37 -20.83 -11.15
N ARG A 425 -14.41 -20.35 -12.39
CA ARG A 425 -15.27 -20.98 -13.40
C ARG A 425 -14.74 -22.36 -13.79
N SER A 426 -13.43 -22.59 -13.71
CA SER A 426 -12.84 -23.87 -14.05
C SER A 426 -12.78 -24.83 -12.86
#